data_4L0P
#
_entry.id   4L0P
#
_cell.length_a   60.043
_cell.length_b   60.043
_cell.length_c   91.574
_cell.angle_alpha   90.00
_cell.angle_beta   90.00
_cell.angle_gamma   90.00
#
_symmetry.space_group_name_H-M   'P 43'
#
loop_
_entity.id
_entity.type
_entity.pdbx_description
1 polymer 'Ephrin type-A receptor 3'
2 polymer Ephrin-A5
3 branched 2-acetamido-2-deoxy-beta-D-glucopyranose-(1-4)-2-acetamido-2-deoxy-beta-D-glucopyranose
4 non-polymer 'SULFATE ION'
5 non-polymer 'CALCIUM ION'
6 water water
#
loop_
_entity_poly.entity_id
_entity_poly.type
_entity_poly.pdbx_seq_one_letter_code
_entity_poly.pdbx_strand_id
1 'polypeptide(L)'
;GSGEVNLLDSKTIQGELGWISYPSHGWEEISGVDEHYTPIRTYQVCNVMDHSQNNWLRTNWVPRNSAQKIYVELKFTLRD
CNSIPLVLGTCKETFNLYYMESDDDHGVKFREHQFTKIDTIAADESFTQMDLGDRILKLNTEIREVGPVNKKGFYLAFQD
VGACVALVSVRVYFKK
;
A
2 'polypeptide(L)'
;GSGAVADRYAVYWNSSNPRFQRGDYHIDVCINDYLDVFCPHYEDSVPEDKTERYVLYMVNFDGYSACDHTSKGFKRWECN
RPHSPNGPLKFSEKFQLFTPFSLGFEFRPGREYFYISSAIPDNGRRSCLKLKVFVRPTNSCMK
;
B
#
# COMPACT_ATOMS: atom_id res chain seq x y z
N SER A 2 -8.04 -7.41 -29.78
CA SER A 2 -9.48 -7.60 -29.57
C SER A 2 -9.76 -8.13 -28.16
N GLY A 3 -9.41 -7.32 -27.16
CA GLY A 3 -9.57 -7.72 -25.78
C GLY A 3 -8.24 -7.95 -25.12
N GLU A 4 -8.12 -7.55 -23.86
CA GLU A 4 -6.90 -7.78 -23.12
C GLU A 4 -7.08 -8.93 -22.14
N VAL A 5 -6.00 -9.67 -21.89
CA VAL A 5 -6.02 -10.71 -20.87
C VAL A 5 -4.90 -10.44 -19.86
N ASN A 6 -5.29 -10.21 -18.62
CA ASN A 6 -4.31 -9.94 -17.58
C ASN A 6 -3.54 -11.21 -17.19
N LEU A 7 -2.22 -11.07 -17.06
CA LEU A 7 -1.41 -12.16 -16.52
C LEU A 7 -1.17 -11.89 -15.04
N LEU A 8 -1.22 -10.61 -14.68
CA LEU A 8 -1.00 -10.18 -13.31
C LEU A 8 -1.65 -8.83 -13.09
N ASP A 9 -2.40 -8.73 -12.00
CA ASP A 9 -3.01 -7.47 -11.60
C ASP A 9 -2.80 -7.27 -10.10
N SER A 10 -2.07 -6.22 -9.75
CA SER A 10 -1.72 -5.95 -8.37
C SER A 10 -2.91 -5.52 -7.53
N LYS A 11 -4.04 -5.29 -8.18
CA LYS A 11 -5.23 -4.83 -7.47
C LYS A 11 -6.17 -5.96 -7.06
N THR A 12 -5.95 -7.14 -7.62
CA THR A 12 -6.72 -8.30 -7.21
C THR A 12 -6.08 -8.90 -5.96
N ILE A 13 -6.87 -9.63 -5.17
CA ILE A 13 -6.37 -10.28 -3.97
C ILE A 13 -5.24 -11.27 -4.29
N GLN A 14 -5.46 -12.11 -5.29
CA GLN A 14 -4.47 -13.12 -5.67
C GLN A 14 -3.24 -12.51 -6.34
N GLY A 15 -3.45 -11.48 -7.14
CA GLY A 15 -2.37 -10.85 -7.88
C GLY A 15 -1.30 -10.22 -7.01
N GLU A 16 -1.67 -9.86 -5.79
CA GLU A 16 -0.72 -9.21 -4.88
C GLU A 16 -0.07 -10.18 -3.90
N LEU A 17 -0.24 -11.47 -4.14
CA LEU A 17 0.37 -12.49 -3.29
C LEU A 17 1.71 -12.95 -3.84
N GLY A 18 2.60 -13.34 -2.92
CA GLY A 18 3.89 -13.89 -3.29
C GLY A 18 4.89 -12.86 -3.78
N TRP A 19 4.71 -11.61 -3.36
CA TRP A 19 5.71 -10.58 -3.65
C TRP A 19 6.73 -10.54 -2.54
N ILE A 20 7.97 -10.18 -2.86
CA ILE A 20 9.03 -10.13 -1.87
C ILE A 20 9.83 -8.85 -2.00
N SER A 21 10.11 -8.22 -0.86
CA SER A 21 10.97 -7.06 -0.80
C SER A 21 12.37 -7.45 -0.36
N TYR A 22 13.38 -6.91 -1.02
CA TYR A 22 14.74 -7.02 -0.54
C TYR A 22 15.49 -5.69 -0.66
N PRO A 23 15.93 -5.15 0.48
CA PRO A 23 15.69 -5.74 1.80
C PRO A 23 14.34 -5.32 2.35
N SER A 24 14.04 -5.75 3.57
CA SER A 24 12.88 -5.24 4.28
C SER A 24 13.10 -3.76 4.59
N HIS A 25 12.03 -3.06 4.96
CA HIS A 25 12.07 -1.62 5.24
C HIS A 25 12.39 -0.81 3.98
N GLY A 26 12.36 -1.46 2.82
CA GLY A 26 12.52 -0.78 1.55
C GLY A 26 11.16 -0.51 0.93
N TRP A 27 10.81 -1.30 -0.07
CA TRP A 27 9.45 -1.26 -0.61
C TRP A 27 8.49 -1.82 0.43
N GLU A 28 7.42 -1.09 0.71
CA GLU A 28 6.48 -1.45 1.76
C GLU A 28 5.08 -1.66 1.19
N GLU A 29 4.34 -2.60 1.77
CA GLU A 29 2.96 -2.82 1.36
C GLU A 29 2.03 -1.97 2.20
N ILE A 30 1.49 -0.93 1.58
CA ILE A 30 0.71 0.09 2.29
C ILE A 30 -0.60 0.37 1.57
N SER A 31 -1.70 0.37 2.33
CA SER A 31 -3.01 0.64 1.76
C SER A 31 -3.08 2.04 1.14
N GLY A 32 -3.74 2.13 0.00
CA GLY A 32 -3.95 3.40 -0.67
C GLY A 32 -5.26 3.33 -1.41
N VAL A 33 -5.39 4.16 -2.43
CA VAL A 33 -6.61 4.19 -3.23
C VAL A 33 -6.22 4.34 -4.70
N ASP A 34 -7.04 3.81 -5.60
CA ASP A 34 -6.76 4.00 -7.03
C ASP A 34 -7.60 5.14 -7.60
N GLU A 35 -7.58 5.28 -8.92
CA GLU A 35 -8.26 6.39 -9.57
C GLU A 35 -9.77 6.18 -9.62
N HIS A 36 -10.22 5.02 -9.13
CA HIS A 36 -11.63 4.68 -9.11
C HIS A 36 -12.18 4.67 -7.67
N TYR A 37 -11.44 5.31 -6.78
CA TYR A 37 -11.81 5.45 -5.36
C TYR A 37 -11.98 4.10 -4.65
N THR A 38 -11.25 3.10 -5.13
CA THR A 38 -11.25 1.78 -4.53
C THR A 38 -10.00 1.63 -3.68
N PRO A 39 -10.18 1.30 -2.39
CA PRO A 39 -9.05 1.06 -1.50
C PRO A 39 -8.28 -0.18 -1.97
N ILE A 40 -6.97 -0.05 -2.14
CA ILE A 40 -6.15 -1.13 -2.66
C ILE A 40 -4.84 -1.25 -1.91
N ARG A 41 -4.13 -2.34 -2.15
CA ARG A 41 -2.77 -2.45 -1.66
C ARG A 41 -1.85 -1.76 -2.67
N THR A 42 -1.01 -0.86 -2.18
CA THR A 42 0.01 -0.22 -3.02
C THR A 42 1.41 -0.57 -2.52
N TYR A 43 2.42 -0.25 -3.31
CA TYR A 43 3.81 -0.55 -2.95
C TYR A 43 4.64 0.72 -2.97
N GLN A 44 5.15 1.09 -1.81
CA GLN A 44 5.75 2.41 -1.63
C GLN A 44 7.18 2.34 -1.08
N VAL A 45 8.00 3.29 -1.50
CA VAL A 45 9.33 3.46 -0.92
C VAL A 45 9.71 4.93 -0.85
N CYS A 46 10.23 5.35 0.29
CA CYS A 46 10.72 6.71 0.45
C CYS A 46 11.82 6.78 1.52
N ASN A 47 12.98 6.21 1.20
CA ASN A 47 14.12 6.22 2.12
C ASN A 47 15.15 7.30 1.79
N VAL A 48 14.68 8.52 1.57
CA VAL A 48 15.55 9.64 1.21
C VAL A 48 16.31 10.21 2.41
N MET A 49 15.90 9.82 3.62
CA MET A 49 16.61 10.22 4.83
C MET A 49 17.63 9.16 5.22
N ASP A 50 17.93 8.27 4.27
CA ASP A 50 18.93 7.21 4.49
C ASP A 50 19.94 7.18 3.35
N HIS A 51 21.11 6.62 3.63
CA HIS A 51 22.21 6.59 2.67
C HIS A 51 22.25 5.30 1.86
N SER A 52 22.84 5.38 0.66
CA SER A 52 23.13 4.22 -0.18
C SER A 52 21.98 3.22 -0.32
N GLN A 53 20.85 3.69 -0.85
CA GLN A 53 19.68 2.83 -0.98
C GLN A 53 19.73 1.96 -2.22
N ASN A 54 19.40 0.69 -2.05
CA ASN A 54 19.29 -0.24 -3.18
C ASN A 54 18.12 -1.20 -2.94
N ASN A 55 16.92 -0.66 -2.99
CA ASN A 55 15.72 -1.39 -2.61
C ASN A 55 15.03 -2.07 -3.78
N TRP A 56 14.85 -3.39 -3.68
CA TRP A 56 14.21 -4.14 -4.74
C TRP A 56 12.83 -4.65 -4.31
N LEU A 57 11.94 -4.76 -5.28
CA LEU A 57 10.62 -5.35 -5.08
C LEU A 57 10.37 -6.35 -6.19
N ARG A 58 10.16 -7.61 -5.83
CA ARG A 58 9.91 -8.63 -6.85
C ARG A 58 8.48 -9.13 -6.81
N THR A 59 7.88 -9.28 -7.99
CA THR A 59 6.53 -9.79 -8.09
C THR A 59 6.55 -11.30 -8.02
N ASN A 60 5.36 -11.89 -7.98
CA ASN A 60 5.24 -13.33 -8.09
C ASN A 60 5.63 -13.76 -9.50
N TRP A 61 5.79 -15.07 -9.69
CA TRP A 61 6.08 -15.61 -11.01
C TRP A 61 4.87 -15.41 -11.92
N VAL A 62 5.13 -14.98 -13.15
CA VAL A 62 4.08 -14.72 -14.12
C VAL A 62 4.27 -15.61 -15.35
N PRO A 63 3.25 -16.42 -15.68
CA PRO A 63 3.33 -17.26 -16.89
C PRO A 63 3.24 -16.39 -18.13
N ARG A 64 3.87 -16.81 -19.22
CA ARG A 64 3.77 -16.03 -20.45
C ARG A 64 2.70 -16.63 -21.36
N ASN A 65 2.20 -17.80 -20.97
CA ASN A 65 1.34 -18.60 -21.83
C ASN A 65 2.01 -18.82 -23.18
N SER A 66 1.26 -18.63 -24.26
CA SER A 66 1.85 -18.69 -25.59
C SER A 66 1.87 -17.31 -26.21
N ALA A 67 1.58 -16.30 -25.38
CA ALA A 67 1.52 -14.91 -25.81
C ALA A 67 2.87 -14.43 -26.33
N GLN A 68 2.83 -13.61 -27.38
CA GLN A 68 4.06 -13.12 -28.00
C GLN A 68 4.49 -11.80 -27.38
N LYS A 69 3.58 -10.85 -27.35
CA LYS A 69 3.89 -9.51 -26.87
C LYS A 69 3.26 -9.25 -25.50
N ILE A 70 4.13 -8.99 -24.52
CA ILE A 70 3.69 -8.80 -23.16
C ILE A 70 3.90 -7.35 -22.73
N TYR A 71 2.85 -6.74 -22.19
CA TYR A 71 2.91 -5.36 -21.75
C TYR A 71 2.87 -5.27 -20.24
N VAL A 72 3.53 -4.26 -19.70
CA VAL A 72 3.41 -3.95 -18.29
C VAL A 72 2.91 -2.51 -18.14
N GLU A 73 1.81 -2.35 -17.42
CA GLU A 73 1.23 -1.04 -17.18
C GLU A 73 1.45 -0.61 -15.73
N LEU A 74 2.14 0.51 -15.55
CA LEU A 74 2.43 1.03 -14.23
C LEU A 74 1.65 2.30 -13.94
N LYS A 75 1.04 2.36 -12.77
CA LYS A 75 0.42 3.59 -12.30
C LYS A 75 1.05 3.93 -10.96
N PHE A 76 1.57 5.15 -10.86
CA PHE A 76 2.33 5.52 -9.69
C PHE A 76 2.32 7.01 -9.40
N THR A 77 2.62 7.37 -8.17
CA THR A 77 2.85 8.75 -7.83
C THR A 77 4.30 8.88 -7.38
N LEU A 78 4.91 10.02 -7.70
CA LEU A 78 6.30 10.24 -7.36
C LEU A 78 6.47 11.65 -6.80
N ARG A 79 7.15 11.75 -5.66
CA ARG A 79 7.26 13.03 -4.99
C ARG A 79 8.46 13.88 -5.44
N ASP A 80 8.20 15.14 -5.69
CA ASP A 80 9.25 16.11 -5.99
C ASP A 80 10.23 16.20 -4.83
N CYS A 81 11.51 15.94 -5.11
CA CYS A 81 12.57 16.00 -4.10
C CYS A 81 12.59 17.32 -3.33
N ASN A 82 12.28 18.41 -4.02
CA ASN A 82 12.22 19.74 -3.41
C ASN A 82 11.14 19.87 -2.33
N SER A 83 10.14 18.99 -2.38
CA SER A 83 9.02 19.06 -1.45
C SER A 83 9.24 18.22 -0.18
N ILE A 84 10.41 17.62 -0.06
CA ILE A 84 10.70 16.75 1.07
C ILE A 84 11.64 17.43 2.05
N PRO A 85 11.14 17.74 3.26
CA PRO A 85 11.89 18.47 4.30
C PRO A 85 13.20 17.80 4.69
N LEU A 86 13.23 16.47 4.72
CA LEU A 86 14.45 15.75 5.09
C LEU A 86 15.01 14.90 3.96
N VAL A 87 16.15 15.32 3.43
CA VAL A 87 16.87 14.57 2.40
C VAL A 87 18.32 14.53 2.80
N LEU A 88 18.86 13.33 3.04
CA LEU A 88 20.23 13.19 3.53
C LEU A 88 21.27 13.18 2.42
N GLY A 89 20.94 12.55 1.29
CA GLY A 89 21.84 12.53 0.15
C GLY A 89 21.27 13.29 -1.02
N THR A 90 21.32 12.69 -2.20
CA THR A 90 20.64 13.24 -3.36
C THR A 90 19.46 12.36 -3.74
N CYS A 91 18.26 12.93 -3.63
CA CYS A 91 17.03 12.23 -3.94
C CYS A 91 16.90 12.03 -5.45
N LYS A 92 16.38 10.87 -5.84
CA LYS A 92 16.12 10.57 -7.24
C LYS A 92 14.65 10.80 -7.55
N GLU A 93 14.35 11.00 -8.83
CA GLU A 93 12.96 11.08 -9.26
C GLU A 93 12.70 10.10 -10.40
N THR A 94 13.39 8.96 -10.34
CA THR A 94 13.15 7.85 -11.24
C THR A 94 13.24 6.54 -10.47
N PHE A 95 12.76 5.47 -11.07
CA PHE A 95 13.00 4.12 -10.55
C PHE A 95 13.15 3.17 -11.74
N ASN A 96 13.64 1.96 -11.47
CA ASN A 96 13.97 1.03 -12.54
C ASN A 96 13.04 -0.17 -12.61
N LEU A 97 12.77 -0.61 -13.84
CA LEU A 97 11.97 -1.81 -14.08
C LEU A 97 12.86 -2.92 -14.62
N TYR A 98 12.80 -4.10 -14.00
CA TYR A 98 13.59 -5.24 -14.43
C TYR A 98 12.71 -6.45 -14.67
N TYR A 99 13.24 -7.43 -15.39
CA TYR A 99 12.60 -8.74 -15.49
C TYR A 99 13.63 -9.86 -15.51
N MET A 100 13.15 -11.06 -15.21
CA MET A 100 13.99 -12.25 -15.26
C MET A 100 13.13 -13.43 -15.66
N GLU A 101 13.53 -14.13 -16.72
CA GLU A 101 12.80 -15.31 -17.18
C GLU A 101 13.10 -16.51 -16.30
N SER A 102 12.11 -17.39 -16.15
CA SER A 102 12.24 -18.55 -15.29
C SER A 102 11.13 -19.56 -15.55
N ASP A 103 11.47 -20.84 -15.40
CA ASP A 103 10.49 -21.91 -15.52
C ASP A 103 9.81 -22.18 -14.19
N ASP A 104 10.38 -21.65 -13.11
CA ASP A 104 9.96 -22.02 -11.76
C ASP A 104 9.24 -20.90 -11.01
N ASP A 105 8.10 -21.24 -10.40
CA ASP A 105 7.29 -20.27 -9.68
C ASP A 105 7.58 -20.26 -8.18
N HIS A 106 8.41 -21.20 -7.74
CA HIS A 106 8.79 -21.29 -6.34
C HIS A 106 10.25 -21.69 -6.20
N GLY A 107 10.80 -21.47 -5.01
CA GLY A 107 12.15 -21.90 -4.70
C GLY A 107 13.24 -21.19 -5.47
N VAL A 108 12.96 -19.97 -5.93
CA VAL A 108 13.94 -19.19 -6.66
C VAL A 108 14.56 -18.13 -5.77
N LYS A 109 15.83 -18.33 -5.40
CA LYS A 109 16.55 -17.34 -4.62
C LYS A 109 16.68 -16.06 -5.44
N PHE A 110 16.34 -14.93 -4.83
CA PHE A 110 16.41 -13.65 -5.51
C PHE A 110 17.85 -13.21 -5.67
N ARG A 111 18.25 -12.95 -6.91
CA ARG A 111 19.59 -12.46 -7.21
C ARG A 111 19.51 -11.30 -8.18
N GLU A 112 19.90 -10.11 -7.71
CA GLU A 112 19.84 -8.89 -8.52
C GLU A 112 20.52 -9.05 -9.88
N HIS A 113 21.67 -9.73 -9.90
CA HIS A 113 22.46 -9.82 -11.12
C HIS A 113 21.82 -10.69 -12.20
N GLN A 114 20.76 -11.41 -11.83
CA GLN A 114 20.04 -12.26 -12.78
C GLN A 114 18.95 -11.49 -13.52
N PHE A 115 18.78 -10.22 -13.16
CA PHE A 115 17.70 -9.41 -13.72
C PHE A 115 18.14 -8.50 -14.87
N THR A 116 17.30 -8.45 -15.91
CA THR A 116 17.56 -7.61 -17.07
C THR A 116 16.72 -6.34 -16.99
N LYS A 117 17.36 -5.20 -17.21
CA LYS A 117 16.68 -3.91 -17.12
C LYS A 117 15.84 -3.64 -18.36
N ILE A 118 14.57 -3.31 -18.13
CA ILE A 118 13.68 -2.95 -19.23
C ILE A 118 13.76 -1.46 -19.53
N ASP A 119 13.63 -0.63 -18.49
CA ASP A 119 13.74 0.82 -18.65
C ASP A 119 13.89 1.54 -17.32
N THR A 120 14.36 2.77 -17.37
CA THR A 120 14.31 3.67 -16.23
C THR A 120 12.98 4.41 -16.32
N ILE A 121 12.23 4.42 -15.22
CA ILE A 121 10.89 4.99 -15.22
C ILE A 121 10.85 6.40 -14.64
N ALA A 122 10.39 7.36 -15.44
CA ALA A 122 10.29 8.75 -14.98
C ALA A 122 8.84 9.18 -14.84
N ALA A 123 8.62 10.23 -14.06
CA ALA A 123 7.29 10.76 -13.85
C ALA A 123 7.06 11.99 -14.73
N ASP A 124 5.94 12.01 -15.43
CA ASP A 124 5.56 13.19 -16.19
C ASP A 124 5.18 14.30 -15.23
N GLU A 125 4.63 13.90 -14.08
CA GLU A 125 4.25 14.84 -13.04
C GLU A 125 4.68 14.35 -11.67
N SER A 126 5.54 15.12 -11.02
CA SER A 126 5.89 14.86 -9.64
C SER A 126 5.00 15.73 -8.76
N PHE A 127 4.65 15.24 -7.57
CA PHE A 127 3.78 16.01 -6.70
C PHE A 127 4.54 16.71 -5.58
N THR A 128 3.94 17.77 -5.04
CA THR A 128 4.55 18.54 -4.00
C THR A 128 3.65 18.58 -2.77
N GLN A 129 4.11 19.30 -1.76
CA GLN A 129 3.32 19.48 -0.53
C GLN A 129 1.95 20.08 -0.83
N MET A 130 1.88 20.94 -1.83
CA MET A 130 0.62 21.54 -2.24
C MET A 130 -0.35 20.48 -2.73
N ASP A 131 0.14 19.53 -3.49
CA ASP A 131 -0.69 18.42 -3.96
C ASP A 131 -1.16 17.60 -2.77
N LEU A 132 -0.25 17.36 -1.82
CA LEU A 132 -0.59 16.64 -0.59
C LEU A 132 -1.68 17.37 0.19
N GLY A 133 -1.53 18.67 0.33
CA GLY A 133 -2.48 19.48 1.10
C GLY A 133 -3.84 19.59 0.47
N ASP A 134 -3.88 19.72 -0.85
CA ASP A 134 -5.14 19.89 -1.57
C ASP A 134 -5.78 18.56 -1.97
N ARG A 135 -5.13 17.46 -1.59
CA ARG A 135 -5.62 16.12 -1.92
C ARG A 135 -5.77 15.93 -3.42
N ILE A 136 -4.69 16.15 -4.15
CA ILE A 136 -4.69 15.95 -5.60
C ILE A 136 -4.00 14.63 -5.92
N LEU A 137 -4.62 13.83 -6.77
CA LEU A 137 -4.03 12.56 -7.18
C LEU A 137 -3.21 12.76 -8.45
N LYS A 138 -1.90 12.92 -8.29
CA LYS A 138 -1.00 13.18 -9.40
C LYS A 138 -0.49 11.89 -9.99
N LEU A 139 -1.38 11.17 -10.66
CA LEU A 139 -1.11 9.81 -11.11
C LEU A 139 -0.39 9.75 -12.46
N ASN A 140 0.71 9.01 -12.51
CA ASN A 140 1.42 8.81 -13.76
C ASN A 140 1.14 7.41 -14.33
N THR A 141 1.08 7.31 -15.65
CA THR A 141 0.87 6.02 -16.31
C THR A 141 1.99 5.75 -17.30
N GLU A 142 2.67 4.62 -17.13
CA GLU A 142 3.74 4.24 -18.05
C GLU A 142 3.56 2.81 -18.52
N ILE A 143 3.55 2.62 -19.84
CA ILE A 143 3.45 1.30 -20.41
C ILE A 143 4.77 0.89 -21.04
N ARG A 144 5.22 -0.32 -20.68
CA ARG A 144 6.42 -0.88 -21.28
C ARG A 144 6.13 -2.31 -21.70
N GLU A 145 7.05 -2.87 -22.49
CA GLU A 145 6.94 -4.24 -22.94
C GLU A 145 8.01 -5.08 -22.28
N VAL A 146 7.68 -6.33 -21.96
CA VAL A 146 8.66 -7.24 -21.39
C VAL A 146 9.51 -7.80 -22.52
N GLY A 147 10.82 -7.83 -22.32
CA GLY A 147 11.74 -8.33 -23.33
C GLY A 147 11.48 -9.78 -23.70
N PRO A 148 12.37 -10.36 -24.52
CA PRO A 148 12.20 -11.76 -24.96
C PRO A 148 12.09 -12.70 -23.77
N VAL A 149 11.00 -13.47 -23.70
CA VAL A 149 10.82 -14.47 -22.67
C VAL A 149 10.86 -15.86 -23.28
N ASN A 150 12.00 -16.54 -23.11
CA ASN A 150 12.19 -17.86 -23.66
C ASN A 150 12.13 -18.96 -22.60
N LYS A 151 11.48 -18.65 -21.49
CA LYS A 151 11.17 -19.64 -20.46
C LYS A 151 9.65 -19.72 -20.33
N LYS A 152 9.17 -20.54 -19.42
CA LYS A 152 7.73 -20.68 -19.21
C LYS A 152 7.10 -19.38 -18.73
N GLY A 153 7.88 -18.61 -17.97
CA GLY A 153 7.41 -17.33 -17.48
C GLY A 153 8.54 -16.43 -17.02
N PHE A 154 8.20 -15.48 -16.15
CA PHE A 154 9.17 -14.49 -15.70
C PHE A 154 8.76 -13.80 -14.39
N TYR A 155 9.73 -13.22 -13.71
CA TYR A 155 9.49 -12.33 -12.60
C TYR A 155 9.73 -10.90 -13.07
N LEU A 156 8.94 -9.97 -12.57
CA LEU A 156 9.25 -8.55 -12.73
C LEU A 156 9.83 -8.03 -11.45
N ALA A 157 10.67 -7.01 -11.55
CA ALA A 157 11.23 -6.39 -10.36
C ALA A 157 11.33 -4.87 -10.50
N PHE A 158 11.18 -4.19 -9.37
CA PHE A 158 11.30 -2.74 -9.34
C PHE A 158 12.48 -2.39 -8.45
N GLN A 159 13.36 -1.52 -8.95
CA GLN A 159 14.52 -1.10 -8.19
C GLN A 159 14.44 0.37 -7.83
N ASP A 160 14.69 0.67 -6.56
CA ASP A 160 14.76 2.04 -6.07
C ASP A 160 16.16 2.34 -5.55
N VAL A 161 16.71 3.49 -5.95
CA VAL A 161 18.03 3.89 -5.50
C VAL A 161 18.03 5.24 -4.78
N GLY A 162 16.87 5.66 -4.30
CA GLY A 162 16.77 6.90 -3.55
C GLY A 162 15.65 7.82 -4.01
N ALA A 163 14.53 7.23 -4.41
CA ALA A 163 13.39 8.03 -4.86
C ALA A 163 12.23 7.88 -3.87
N CYS A 164 11.24 8.74 -4.00
CA CYS A 164 10.06 8.72 -3.15
C CYS A 164 8.87 8.32 -4.01
N VAL A 165 8.60 7.02 -4.08
CA VAL A 165 7.70 6.46 -5.10
C VAL A 165 6.59 5.56 -4.55
N ALA A 166 5.36 5.84 -4.94
CA ALA A 166 4.23 4.97 -4.61
C ALA A 166 3.68 4.25 -5.84
N LEU A 167 3.88 2.93 -5.91
CA LEU A 167 3.34 2.14 -7.00
C LEU A 167 1.87 1.82 -6.73
N VAL A 168 0.99 2.49 -7.44
CA VAL A 168 -0.44 2.38 -7.20
C VAL A 168 -1.01 1.15 -7.88
N SER A 169 -0.41 0.77 -9.00
CA SER A 169 -0.96 -0.30 -9.80
C SER A 169 0.08 -0.89 -10.74
N VAL A 170 0.18 -2.21 -10.74
CA VAL A 170 1.00 -2.93 -11.71
C VAL A 170 0.11 -3.94 -12.41
N ARG A 171 0.03 -3.86 -13.74
CA ARG A 171 -0.80 -4.78 -14.49
C ARG A 171 -0.03 -5.32 -15.68
N VAL A 172 0.16 -6.64 -15.70
CA VAL A 172 0.84 -7.30 -16.81
C VAL A 172 -0.19 -8.03 -17.66
N TYR A 173 -0.12 -7.83 -18.97
CA TYR A 173 -1.15 -8.34 -19.85
C TYR A 173 -0.67 -8.59 -21.27
N PHE A 174 -1.45 -9.38 -22.01
CA PHE A 174 -1.24 -9.54 -23.44
C PHE A 174 -2.57 -9.26 -24.14
N LYS A 175 -2.55 -9.15 -25.44
CA LYS A 175 -3.75 -8.94 -26.18
C LYS A 175 -4.10 -10.13 -27.04
N LYS A 176 -5.38 -10.38 -27.21
CA LYS A 176 -5.83 -11.50 -28.03
C LYS A 176 -6.39 -11.01 -29.37
N ALA B 4 11.98 -7.30 11.20
CA ALA B 4 13.22 -6.56 11.48
C ALA B 4 13.06 -5.61 12.67
N VAL B 5 13.72 -4.46 12.62
CA VAL B 5 13.82 -3.56 13.77
C VAL B 5 12.48 -2.93 14.19
N ALA B 6 11.65 -2.59 13.21
CA ALA B 6 10.36 -1.98 13.49
C ALA B 6 9.40 -2.99 14.13
N ASP B 7 8.30 -2.47 14.69
CA ASP B 7 7.28 -3.33 15.29
C ASP B 7 6.02 -3.32 14.44
N ARG B 8 5.33 -4.45 14.42
CA ARG B 8 4.10 -4.58 13.68
C ARG B 8 2.92 -4.84 14.61
N TYR B 9 1.87 -4.02 14.49
CA TYR B 9 0.69 -4.17 15.34
C TYR B 9 -0.52 -4.65 14.55
N ALA B 10 -1.17 -5.70 15.06
CA ALA B 10 -2.36 -6.23 14.44
C ALA B 10 -3.60 -5.87 15.24
N VAL B 11 -4.53 -5.17 14.59
CA VAL B 11 -5.80 -4.84 15.21
C VAL B 11 -6.93 -5.55 14.48
N TYR B 12 -7.65 -6.39 15.20
CA TYR B 12 -8.82 -7.04 14.67
C TYR B 12 -10.05 -6.18 14.97
N TRP B 13 -10.48 -5.44 13.95
CA TRP B 13 -11.50 -4.42 14.11
C TRP B 13 -12.91 -4.97 13.93
N ASN B 14 -13.48 -5.50 15.01
CA ASN B 14 -14.88 -5.92 15.03
C ASN B 14 -15.53 -5.74 16.39
N SER B 15 -16.85 -5.71 16.44
CA SER B 15 -17.59 -5.45 17.67
C SER B 15 -17.51 -6.56 18.72
N SER B 16 -16.88 -7.67 18.38
CA SER B 16 -16.69 -8.77 19.32
C SER B 16 -15.32 -8.71 19.99
N ASN B 17 -14.53 -7.72 19.60
CA ASN B 17 -13.24 -7.48 20.23
C ASN B 17 -13.43 -6.61 21.46
N PRO B 18 -13.11 -7.14 22.64
CA PRO B 18 -13.35 -6.45 23.91
C PRO B 18 -12.46 -5.23 24.09
N ARG B 19 -11.47 -5.05 23.24
CA ARG B 19 -10.58 -3.88 23.36
C ARG B 19 -11.27 -2.60 22.90
N PHE B 20 -12.33 -2.74 22.13
CA PHE B 20 -13.11 -1.58 21.67
C PHE B 20 -14.21 -1.23 22.66
N GLN B 21 -14.27 -1.97 23.76
CA GLN B 21 -15.40 -1.89 24.69
C GLN B 21 -15.66 -0.50 25.27
N ARG B 22 -14.67 0.06 25.97
CA ARG B 22 -14.86 1.34 26.65
C ARG B 22 -14.70 2.54 25.72
N GLY B 23 -14.27 2.29 24.49
CA GLY B 23 -14.00 3.37 23.55
C GLY B 23 -12.66 4.04 23.82
N ASP B 24 -11.79 3.34 24.54
CA ASP B 24 -10.48 3.89 24.90
C ASP B 24 -9.33 3.05 24.34
N TYR B 25 -9.63 2.25 23.31
CA TYR B 25 -8.61 1.42 22.66
C TYR B 25 -7.53 2.30 22.06
N HIS B 26 -6.31 2.17 22.56
CA HIS B 26 -5.20 2.92 21.99
C HIS B 26 -3.91 2.10 21.94
N ILE B 27 -3.04 2.46 21.00
CA ILE B 27 -1.74 1.83 20.89
C ILE B 27 -0.63 2.88 20.75
N ASP B 28 0.51 2.58 21.36
CA ASP B 28 1.66 3.47 21.25
C ASP B 28 2.64 2.89 20.25
N VAL B 29 2.87 3.62 19.16
CA VAL B 29 3.78 3.14 18.12
C VAL B 29 4.96 4.11 17.95
N CYS B 30 5.97 3.67 17.23
CA CYS B 30 7.10 4.53 16.88
C CYS B 30 7.01 4.88 15.41
N ILE B 31 7.68 5.95 15.01
CA ILE B 31 7.81 6.28 13.59
C ILE B 31 8.43 5.08 12.85
N ASN B 32 7.86 4.77 11.69
CA ASN B 32 8.25 3.62 10.86
C ASN B 32 7.75 2.26 11.36
N ASP B 33 6.91 2.27 12.39
CA ASP B 33 6.20 1.06 12.80
C ASP B 33 5.06 0.76 11.84
N TYR B 34 4.51 -0.45 11.94
CA TYR B 34 3.40 -0.84 11.08
C TYR B 34 2.14 -1.14 11.87
N LEU B 35 0.99 -0.80 11.29
CA LEU B 35 -0.29 -1.19 11.84
C LEU B 35 -1.08 -1.94 10.78
N ASP B 36 -1.50 -3.15 11.12
CA ASP B 36 -2.38 -3.93 10.23
C ASP B 36 -3.75 -4.06 10.85
N VAL B 37 -4.78 -3.62 10.12
CA VAL B 37 -6.15 -3.74 10.59
C VAL B 37 -6.93 -4.75 9.76
N PHE B 38 -7.47 -5.76 10.43
CA PHE B 38 -8.21 -6.83 9.77
C PHE B 38 -9.73 -6.63 9.81
N CYS B 39 -10.37 -6.83 8.65
CA CYS B 39 -11.81 -6.72 8.54
C CYS B 39 -12.47 -7.96 9.13
N PRO B 40 -13.73 -7.84 9.56
CA PRO B 40 -14.47 -9.02 10.01
C PRO B 40 -14.53 -10.04 8.87
N HIS B 41 -14.38 -11.31 9.20
CA HIS B 41 -14.41 -12.36 8.20
C HIS B 41 -15.26 -13.51 8.72
N TYR B 42 -16.04 -14.10 7.83
CA TYR B 42 -16.98 -15.14 8.22
C TYR B 42 -16.92 -16.32 7.27
N GLU B 43 -17.36 -17.48 7.74
CA GLU B 43 -17.52 -18.62 6.86
C GLU B 43 -18.62 -18.26 5.86
N ASP B 44 -18.50 -18.76 4.63
CA ASP B 44 -19.40 -18.39 3.53
C ASP B 44 -20.86 -18.69 3.81
N SER B 45 -21.11 -19.64 4.71
CA SER B 45 -22.48 -20.03 5.05
C SER B 45 -23.21 -18.95 5.85
N VAL B 46 -22.47 -17.99 6.38
CA VAL B 46 -23.07 -16.88 7.13
C VAL B 46 -23.61 -15.83 6.17
N PRO B 47 -24.92 -15.53 6.27
CA PRO B 47 -25.56 -14.56 5.36
C PRO B 47 -25.02 -13.14 5.53
N GLU B 48 -25.08 -12.38 4.44
CA GLU B 48 -24.63 -11.00 4.39
C GLU B 48 -25.15 -10.14 5.53
N ASP B 49 -26.44 -10.28 5.83
CA ASP B 49 -27.12 -9.44 6.81
C ASP B 49 -26.67 -9.67 8.25
N LYS B 50 -26.05 -10.83 8.50
CA LYS B 50 -25.59 -11.16 9.84
C LYS B 50 -24.09 -10.89 10.02
N THR B 51 -23.48 -10.25 9.02
CA THR B 51 -22.05 -9.97 9.06
C THR B 51 -21.79 -8.49 9.33
N GLU B 52 -20.70 -8.22 10.03
CA GLU B 52 -20.29 -6.85 10.31
C GLU B 52 -19.49 -6.26 9.17
N ARG B 53 -19.97 -5.14 8.62
CA ARG B 53 -19.29 -4.43 7.55
C ARG B 53 -19.23 -2.95 7.89
N TYR B 54 -18.18 -2.27 7.45
CA TYR B 54 -18.03 -0.83 7.73
C TYR B 54 -16.99 -0.15 6.84
N VAL B 55 -16.95 1.18 6.92
CA VAL B 55 -15.88 1.94 6.31
C VAL B 55 -14.97 2.45 7.43
N LEU B 56 -13.67 2.38 7.20
CA LEU B 56 -12.70 2.86 8.16
C LEU B 56 -12.21 4.24 7.77
N TYR B 57 -12.28 5.19 8.70
CA TYR B 57 -11.86 6.56 8.44
C TYR B 57 -10.77 7.03 9.40
N MET B 58 -9.87 7.85 8.89
CA MET B 58 -8.96 8.59 9.74
C MET B 58 -9.55 9.98 9.94
N VAL B 59 -9.68 10.38 11.21
CA VAL B 59 -10.33 11.64 11.53
C VAL B 59 -9.50 12.44 12.53
N ASN B 60 -9.87 13.71 12.74
CA ASN B 60 -9.23 14.50 13.78
C ASN B 60 -9.85 14.18 15.14
N PHE B 61 -9.36 14.83 16.18
CA PHE B 61 -9.83 14.54 17.53
C PHE B 61 -11.32 14.80 17.71
N ASP B 62 -11.80 15.90 17.13
CA ASP B 62 -13.21 16.26 17.19
C ASP B 62 -14.10 15.19 16.57
N GLY B 63 -13.71 14.71 15.40
CA GLY B 63 -14.45 13.66 14.72
C GLY B 63 -14.41 12.36 15.50
N TYR B 64 -13.27 12.10 16.13
CA TYR B 64 -13.08 10.93 16.96
C TYR B 64 -14.01 10.95 18.17
N SER B 65 -14.15 12.14 18.76
CA SER B 65 -14.98 12.33 19.96
C SER B 65 -16.46 12.17 19.65
N ALA B 66 -16.88 12.72 18.51
CA ALA B 66 -18.29 12.76 18.14
C ALA B 66 -18.70 11.67 17.17
N CYS B 67 -17.75 10.81 16.80
CA CYS B 67 -17.97 9.77 15.79
C CYS B 67 -18.44 10.36 14.47
N ASP B 68 -17.81 11.46 14.08
CA ASP B 68 -18.18 12.18 12.87
C ASP B 68 -17.01 12.18 11.88
N HIS B 69 -17.21 11.55 10.72
CA HIS B 69 -16.15 11.48 9.72
C HIS B 69 -16.36 12.50 8.60
N THR B 70 -17.56 13.07 8.55
CA THR B 70 -17.98 13.87 7.39
C THR B 70 -17.15 15.13 7.17
N SER B 71 -17.13 16.02 8.17
CA SER B 71 -16.47 17.32 7.99
C SER B 71 -14.95 17.26 8.10
N LYS B 72 -14.43 16.18 8.67
CA LYS B 72 -13.05 16.18 9.13
C LYS B 72 -12.37 14.82 9.01
N GLY B 73 -12.75 14.05 8.00
CA GLY B 73 -12.24 12.69 7.90
C GLY B 73 -11.83 12.28 6.49
N PHE B 74 -10.99 11.24 6.44
CA PHE B 74 -10.58 10.66 5.18
C PHE B 74 -10.83 9.16 5.21
N LYS B 75 -11.39 8.64 4.13
CA LYS B 75 -11.62 7.21 4.03
C LYS B 75 -10.29 6.49 3.85
N ARG B 76 -10.06 5.47 4.66
CA ARG B 76 -8.81 4.73 4.59
C ARG B 76 -9.03 3.32 4.06
N TRP B 77 -10.14 2.71 4.42
CA TRP B 77 -10.39 1.33 4.06
C TRP B 77 -11.87 0.97 4.07
N GLU B 78 -12.24 -0.04 3.29
CA GLU B 78 -13.62 -0.50 3.22
C GLU B 78 -13.72 -1.98 3.55
N CYS B 79 -14.47 -2.30 4.59
CA CYS B 79 -14.69 -3.68 4.97
C CYS B 79 -16.08 -4.13 4.54
N ASN B 80 -16.25 -4.38 3.25
CA ASN B 80 -17.54 -4.80 2.71
C ASN B 80 -17.40 -6.12 1.95
N ARG B 81 -16.44 -6.94 2.38
CA ARG B 81 -16.27 -8.28 1.83
C ARG B 81 -16.08 -9.30 2.94
N PRO B 82 -17.16 -9.58 3.68
CA PRO B 82 -17.08 -10.48 4.85
C PRO B 82 -16.68 -11.91 4.49
N HIS B 83 -16.83 -12.29 3.23
CA HIS B 83 -16.48 -13.64 2.80
C HIS B 83 -15.28 -13.65 1.87
N SER B 84 -14.51 -12.56 1.88
CA SER B 84 -13.38 -12.38 0.96
C SER B 84 -12.46 -13.59 0.90
N PRO B 85 -12.04 -13.96 -0.33
CA PRO B 85 -11.11 -15.08 -0.53
C PRO B 85 -9.78 -14.78 0.14
N ASN B 86 -8.98 -15.82 0.42
CA ASN B 86 -7.67 -15.66 1.05
C ASN B 86 -7.72 -15.06 2.44
N GLY B 87 -8.90 -15.06 3.06
CA GLY B 87 -9.05 -14.55 4.41
C GLY B 87 -9.53 -13.11 4.49
N PRO B 88 -9.44 -12.51 5.69
CA PRO B 88 -9.92 -11.14 5.95
C PRO B 88 -9.19 -10.09 5.13
N LEU B 89 -9.93 -9.09 4.66
CA LEU B 89 -9.31 -7.92 4.04
C LEU B 89 -8.43 -7.25 5.07
N LYS B 90 -7.27 -6.76 4.65
CA LYS B 90 -6.31 -6.18 5.59
C LYS B 90 -5.86 -4.78 5.19
N PHE B 91 -6.13 -3.81 6.05
CA PHE B 91 -5.64 -2.45 5.87
C PHE B 91 -4.25 -2.33 6.48
N SER B 92 -3.31 -1.81 5.71
CA SER B 92 -1.95 -1.63 6.20
C SER B 92 -1.53 -0.17 6.21
N GLU B 93 -0.93 0.24 7.31
CA GLU B 93 -0.42 1.59 7.45
C GLU B 93 1.02 1.53 7.96
N LYS B 94 1.86 2.40 7.43
CA LYS B 94 3.18 2.59 8.00
C LYS B 94 3.27 4.01 8.52
N PHE B 95 3.76 4.17 9.75
CA PHE B 95 3.82 5.47 10.38
C PHE B 95 5.09 6.21 10.00
N GLN B 96 5.14 6.64 8.74
CA GLN B 96 6.34 7.28 8.19
C GLN B 96 6.21 8.79 8.23
N LEU B 97 7.34 9.47 8.15
CA LEU B 97 7.36 10.93 8.18
C LEU B 97 6.78 11.51 6.89
N PHE B 98 7.19 10.94 5.76
CA PHE B 98 6.86 11.50 4.46
C PHE B 98 6.26 10.46 3.52
N THR B 99 5.10 10.77 2.95
CA THR B 99 4.45 9.84 2.02
C THR B 99 4.91 10.06 0.58
N PRO B 100 5.17 8.95 -0.13
CA PRO B 100 5.46 9.00 -1.57
C PRO B 100 4.17 8.92 -2.37
N PHE B 101 3.04 8.95 -1.65
CA PHE B 101 1.73 8.87 -2.27
C PHE B 101 0.96 10.18 -2.09
N SER B 102 0.56 10.80 -3.20
CA SER B 102 -0.05 12.12 -3.16
C SER B 102 -1.39 12.15 -2.42
N LEU B 103 -1.95 10.98 -2.12
CA LEU B 103 -3.13 10.92 -1.25
C LEU B 103 -2.82 10.16 0.03
N GLY B 104 -1.53 10.08 0.36
CA GLY B 104 -1.09 9.33 1.52
C GLY B 104 -1.16 10.15 2.79
N PHE B 105 -0.69 9.56 3.88
CA PHE B 105 -0.76 10.22 5.18
C PHE B 105 0.59 10.23 5.88
N GLU B 106 0.89 11.34 6.54
CA GLU B 106 2.17 11.50 7.19
C GLU B 106 2.00 11.54 8.70
N PHE B 107 3.05 11.13 9.42
CA PHE B 107 3.00 11.06 10.88
C PHE B 107 4.21 11.74 11.51
N ARG B 108 3.99 12.29 12.70
CA ARG B 108 5.02 13.01 13.43
C ARG B 108 5.19 12.41 14.81
N PRO B 109 6.43 12.33 15.29
CA PRO B 109 6.67 11.85 16.66
C PRO B 109 6.06 12.77 17.70
N GLY B 110 5.42 12.20 18.71
CA GLY B 110 4.82 12.96 19.79
C GLY B 110 3.37 13.32 19.59
N ARG B 111 2.80 12.93 18.45
CA ARG B 111 1.42 13.30 18.13
C ARG B 111 0.45 12.13 18.20
N GLU B 112 -0.83 12.47 18.33
CA GLU B 112 -1.88 11.46 18.38
C GLU B 112 -2.69 11.45 17.08
N TYR B 113 -3.14 10.26 16.70
CA TYR B 113 -3.94 10.08 15.49
C TYR B 113 -5.14 9.19 15.79
N PHE B 114 -6.19 9.35 15.00
CA PHE B 114 -7.48 8.75 15.34
C PHE B 114 -8.15 8.04 14.18
N TYR B 115 -8.71 6.87 14.45
CA TYR B 115 -9.50 6.13 13.47
C TYR B 115 -10.88 5.83 14.01
N ILE B 116 -11.89 5.89 13.14
CA ILE B 116 -13.23 5.42 13.49
C ILE B 116 -13.82 4.65 12.32
N SER B 117 -14.84 3.84 12.62
CA SER B 117 -15.55 3.11 11.59
C SER B 117 -17.02 3.49 11.56
N SER B 118 -17.59 3.49 10.36
CA SER B 118 -19.00 3.79 10.16
C SER B 118 -19.64 2.57 9.50
N ALA B 119 -20.70 2.07 10.12
CA ALA B 119 -21.29 0.78 9.75
C ALA B 119 -21.90 0.74 8.35
N ILE B 120 -21.86 -0.44 7.74
CA ILE B 120 -22.57 -0.71 6.50
C ILE B 120 -23.44 -1.95 6.70
N PRO B 121 -24.76 -1.81 6.53
CA PRO B 121 -25.46 -0.59 6.12
C PRO B 121 -25.51 0.44 7.24
N ASP B 122 -25.73 1.69 6.86
CA ASP B 122 -25.63 2.79 7.80
C ASP B 122 -26.81 2.88 8.76
N ASN B 123 -26.50 2.76 10.05
CA ASN B 123 -27.45 3.14 11.09
C ASN B 123 -27.12 4.56 11.56
N GLY B 124 -27.92 5.09 12.48
CA GLY B 124 -27.71 6.45 12.96
C GLY B 124 -26.95 6.47 14.27
N ARG B 125 -26.28 5.39 14.58
CA ARG B 125 -25.65 5.27 15.85
C ARG B 125 -24.56 6.31 16.03
N ARG B 126 -24.26 6.56 17.29
CA ARG B 126 -23.06 7.30 17.65
C ARG B 126 -22.21 6.45 18.59
N SER B 127 -22.41 5.14 18.53
CA SER B 127 -21.63 4.20 19.32
C SER B 127 -20.58 3.53 18.44
N CYS B 128 -19.81 4.35 17.74
CA CYS B 128 -18.86 3.86 16.74
C CYS B 128 -17.63 3.23 17.38
N LEU B 129 -17.08 2.22 16.71
CA LEU B 129 -15.79 1.67 17.10
C LEU B 129 -14.71 2.70 16.77
N LYS B 130 -13.71 2.81 17.63
CA LYS B 130 -12.66 3.79 17.42
C LYS B 130 -11.32 3.33 18.00
N LEU B 131 -10.24 3.92 17.51
CA LEU B 131 -8.90 3.60 17.97
C LEU B 131 -8.05 4.86 18.01
N LYS B 132 -7.28 5.04 19.08
CA LYS B 132 -6.32 6.13 19.16
C LYS B 132 -4.92 5.59 18.95
N VAL B 133 -4.12 6.26 18.12
CA VAL B 133 -2.74 5.89 17.93
C VAL B 133 -1.82 7.01 18.37
N PHE B 134 -0.97 6.72 19.35
CA PHE B 134 0.01 7.69 19.79
C PHE B 134 1.38 7.35 19.21
N VAL B 135 1.91 8.24 18.39
CA VAL B 135 3.26 8.09 17.86
C VAL B 135 4.25 8.63 18.89
N ARG B 136 5.07 7.74 19.43
CA ARG B 136 5.97 8.07 20.52
C ARG B 136 7.09 9.02 20.09
N PRO B 137 7.64 9.78 21.05
CA PRO B 137 8.77 10.66 20.76
C PRO B 137 9.95 9.85 20.23
N THR B 138 10.82 10.50 19.48
CA THR B 138 12.00 9.87 18.92
C THR B 138 12.90 9.29 20.01
N ASN B 139 13.04 10.00 21.12
CA ASN B 139 13.90 9.56 22.23
C ASN B 139 13.49 8.22 22.82
N SER B 140 12.20 7.92 22.74
CA SER B 140 11.66 6.68 23.29
C SER B 140 11.79 5.52 22.31
N CYS B 141 12.19 5.83 21.08
CA CYS B 141 12.28 4.80 20.04
C CYS B 141 13.72 4.59 19.56
N MET B 142 14.68 5.06 20.36
CA MET B 142 16.10 4.98 20.03
C MET B 142 16.41 5.67 18.71
#